data_4O8C
#
_entry.id   4O8C
#
_cell.length_a   38.754
_cell.length_b   83.245
_cell.length_c   176.051
_cell.angle_alpha   90.00
_cell.angle_beta   90.00
_cell.angle_gamma   90.00
#
_symmetry.space_group_name_H-M   'P 21 21 21'
#
loop_
_entity.id
_entity.type
_entity.pdbx_description
1 polymer 'Thermostable NPPase'
2 non-polymer 'MAGNESIUM ION'
3 non-polymer 'SULFATE ION'
4 water water
#
_entity_poly.entity_id   1
_entity_poly.type   'polypeptide(L)'
_entity_poly.pdbx_seq_one_letter_code
;HHHHHHMRKYNGYLIDLDGTMYRGTERIDAASGFIKELNRLHIPYLFVTNNSTRTPEQVADKLVSLDIPATPEQIFTSSM
ATANYVYDLDQNAMIYFIGEEGLYKALKEKGFSFADENADVVIVGLDREVTYEKLAVACLAVRNGAKLISTNGDLALPTE
RGFMPGNGAFTALISYSTQVKATFVGKPEPIIMEQALKVLGTNKNETIMVGDNYDTDILAGIRAGLDTLLVHTGVTTVEK
LKEYKQQPTYSMKSLDDWKFL
;
_entity_poly.pdbx_strand_id   A,B
#
# COMPACT_ATOMS: atom_id res chain seq x y z
N MET A 7 24.20 7.49 41.84
CA MET A 7 23.85 8.89 42.00
C MET A 7 23.79 9.58 40.67
N ARG A 8 24.13 8.89 39.58
CA ARG A 8 23.92 9.44 38.26
C ARG A 8 22.45 9.57 38.01
N LYS A 9 22.06 10.63 37.32
CA LYS A 9 20.69 10.78 36.86
C LYS A 9 20.39 9.69 35.82
N TYR A 10 21.36 9.46 34.93
CA TYR A 10 21.19 8.48 33.86
C TYR A 10 22.11 7.31 34.07
N ASN A 11 21.50 6.15 34.29
CA ASN A 11 22.25 4.90 34.45
C ASN A 11 21.97 3.83 33.38
N GLY A 12 21.33 4.24 32.31
CA GLY A 12 21.21 3.42 31.12
C GLY A 12 21.02 4.31 29.91
N TYR A 13 21.59 3.87 28.79
CA TYR A 13 21.66 4.64 27.55
C TYR A 13 21.13 3.77 26.42
N LEU A 14 20.22 4.35 25.65
CA LEU A 14 19.77 3.74 24.42
C LEU A 14 20.33 4.58 23.28
N ILE A 15 21.24 4.01 22.52
CA ILE A 15 21.97 4.73 21.50
C ILE A 15 21.40 4.48 20.12
N ASP A 16 20.98 5.54 19.45
CA ASP A 16 20.43 5.35 18.13
C ASP A 16 21.50 4.95 17.12
N LEU A 17 21.17 4.03 16.23
CA LEU A 17 22.08 3.61 15.16
C LEU A 17 21.80 4.27 13.81
N ASP A 18 20.68 5.00 13.72
CA ASP A 18 20.17 5.51 12.45
C ASP A 18 20.48 7.01 12.31
N GLY A 19 19.65 7.73 11.56
CA GLY A 19 19.95 9.12 11.28
C GLY A 19 21.28 9.29 10.57
N THR A 20 22.09 10.24 11.03
CA THR A 20 23.43 10.48 10.45
C THR A 20 24.46 10.42 11.57
N MET A 21 24.12 9.63 12.58
CA MET A 21 24.92 9.53 13.81
C MET A 21 26.36 9.13 13.55
N TYR A 22 26.61 8.31 12.54
CA TYR A 22 27.96 7.79 12.30
C TYR A 22 28.48 8.22 10.92
N ARG A 23 28.01 9.37 10.45
CA ARG A 23 28.37 9.87 9.12
C ARG A 23 29.68 10.63 9.14
N GLY A 24 30.68 10.05 8.50
CA GLY A 24 32.00 10.65 8.47
C GLY A 24 32.88 10.28 9.65
N THR A 25 34.17 10.46 9.46
CA THR A 25 35.22 10.04 10.42
C THR A 25 35.14 10.71 11.80
N GLU A 26 34.92 12.02 11.82
CA GLU A 26 34.75 12.77 13.08
C GLU A 26 33.61 12.21 13.96
N ARG A 27 32.47 11.96 13.34
CA ARG A 27 31.32 11.40 14.05
C ARG A 27 31.57 9.98 14.51
N ILE A 28 32.21 9.17 13.67
CA ILE A 28 32.59 7.82 14.07
C ILE A 28 33.49 7.88 15.29
N ASP A 29 34.51 8.74 15.24
CA ASP A 29 35.46 8.84 16.36
C ASP A 29 34.79 9.36 17.61
N ALA A 30 33.88 10.31 17.44
CA ALA A 30 33.11 10.77 18.59
C ALA A 30 32.26 9.65 19.19
N ALA A 31 31.68 8.78 18.36
CA ALA A 31 30.84 7.72 18.89
C ALA A 31 31.71 6.67 19.61
N SER A 32 32.89 6.42 19.04
CA SER A 32 33.84 5.48 19.60
C SER A 32 34.24 5.97 21.01
N GLY A 33 34.62 7.23 21.12
CA GLY A 33 35.04 7.77 22.40
C GLY A 33 33.91 7.75 23.42
N PHE A 34 32.72 8.12 22.97
CA PHE A 34 31.53 8.13 23.83
C PHE A 34 31.19 6.73 24.34
N ILE A 35 31.10 5.78 23.44
CA ILE A 35 30.72 4.41 23.84
C ILE A 35 31.80 3.77 24.70
N LYS A 36 33.07 4.01 24.39
CA LYS A 36 34.14 3.46 25.21
C LYS A 36 34.04 4.04 26.62
N GLU A 37 33.68 5.30 26.75
CA GLU A 37 33.55 5.89 28.09
C GLU A 37 32.40 5.23 28.87
N LEU A 38 31.25 5.04 28.22
CA LEU A 38 30.15 4.29 28.86
C LEU A 38 30.67 2.94 29.36
N ASN A 39 31.47 2.29 28.54
CA ASN A 39 31.98 0.98 28.87
C ASN A 39 32.87 1.07 30.09
N ARG A 40 33.78 2.04 30.07
CA ARG A 40 34.67 2.28 31.20
C ARG A 40 33.92 2.53 32.48
N LEU A 41 32.80 3.23 32.40
CA LEU A 41 32.05 3.59 33.61
C LEU A 41 31.08 2.47 34.04
N HIS A 42 31.08 1.39 33.28
CA HIS A 42 30.18 0.26 33.52
C HIS A 42 28.70 0.69 33.42
N ILE A 43 28.41 1.65 32.55
CA ILE A 43 27.02 2.06 32.33
C ILE A 43 26.42 1.20 31.22
N PRO A 44 25.30 0.51 31.53
CA PRO A 44 24.73 -0.37 30.49
C PRO A 44 24.15 0.45 29.36
N TYR A 45 24.28 -0.12 28.17
CA TYR A 45 23.70 0.51 27.00
C TYR A 45 23.23 -0.50 25.97
N LEU A 46 22.32 -0.05 25.12
CA LEU A 46 21.78 -0.87 24.04
C LEU A 46 21.74 0.03 22.81
N PHE A 47 22.08 -0.49 21.64
CA PHE A 47 21.90 0.27 20.39
C PHE A 47 20.51 -0.08 19.82
N VAL A 48 19.82 0.93 19.28
CA VAL A 48 18.48 0.72 18.74
C VAL A 48 18.40 1.17 17.27
N THR A 49 17.74 0.38 16.42
CA THR A 49 17.64 0.66 14.98
C THR A 49 16.31 0.17 14.40
N ASN A 50 15.81 0.85 13.37
CA ASN A 50 14.68 0.33 12.59
C ASN A 50 15.19 -0.65 11.52
N ASN A 51 16.50 -0.81 11.43
CA ASN A 51 17.05 -1.56 10.29
C ASN A 51 16.57 -2.99 10.30
N SER A 52 16.18 -3.51 9.13
CA SER A 52 15.71 -4.91 9.07
C SER A 52 16.49 -5.72 8.06
N THR A 53 17.55 -5.13 7.52
CA THR A 53 18.38 -5.82 6.52
C THR A 53 19.72 -6.35 7.06
N ARG A 54 19.98 -6.14 8.35
CA ARG A 54 21.20 -6.63 8.99
C ARG A 54 20.90 -7.30 10.34
N THR A 55 21.59 -8.41 10.62
CA THR A 55 21.42 -9.11 11.87
C THR A 55 22.16 -8.39 13.01
N PRO A 56 21.74 -8.67 14.25
CA PRO A 56 22.49 -8.17 15.40
C PRO A 56 23.95 -8.50 15.27
N GLU A 57 24.28 -9.69 14.81
CA GLU A 57 25.67 -10.09 14.69
C GLU A 57 26.40 -9.24 13.65
N GLN A 58 25.75 -8.98 12.52
CA GLN A 58 26.38 -8.14 11.48
C GLN A 58 26.63 -6.72 12.01
N VAL A 59 25.64 -6.18 12.71
CA VAL A 59 25.73 -4.80 13.16
C VAL A 59 26.86 -4.70 14.19
N ALA A 60 26.91 -5.64 15.13
CA ALA A 60 27.94 -5.57 16.16
C ALA A 60 29.30 -5.68 15.52
N ASP A 61 29.42 -6.59 14.56
CA ASP A 61 30.68 -6.80 13.86
C ASP A 61 31.15 -5.52 13.18
N LYS A 62 30.21 -4.79 12.59
CA LYS A 62 30.56 -3.53 11.94
C LYS A 62 31.01 -2.48 12.96
N LEU A 63 30.20 -2.26 13.99
CA LEU A 63 30.59 -1.37 15.09
C LEU A 63 31.99 -1.68 15.64
N VAL A 64 32.26 -2.94 15.99
CA VAL A 64 33.58 -3.27 16.52
C VAL A 64 34.67 -2.92 15.49
N SER A 65 34.39 -3.11 14.20
CA SER A 65 35.37 -2.81 13.18
C SER A 65 35.67 -1.31 13.13
N LEU A 66 34.75 -0.50 13.64
CA LEU A 66 34.89 0.97 13.67
C LEU A 66 35.37 1.43 15.04
N ASP A 67 35.81 0.48 15.85
CA ASP A 67 36.29 0.75 17.19
C ASP A 67 35.19 1.28 18.11
N ILE A 68 33.95 0.83 17.88
CA ILE A 68 32.83 1.17 18.73
C ILE A 68 32.38 -0.11 19.41
N PRO A 69 32.67 -0.27 20.71
CA PRO A 69 32.42 -1.55 21.39
C PRO A 69 30.95 -1.96 21.46
N ALA A 70 30.65 -3.13 20.89
CA ALA A 70 29.30 -3.67 20.91
C ALA A 70 29.33 -5.20 20.79
N THR A 71 28.39 -5.87 21.47
CA THR A 71 28.10 -7.28 21.28
C THR A 71 26.74 -7.45 20.59
N PRO A 72 26.50 -8.63 19.99
CA PRO A 72 25.21 -8.88 19.33
C PRO A 72 24.04 -8.64 20.27
N GLU A 73 24.23 -8.97 21.54
CA GLU A 73 23.18 -8.78 22.53
C GLU A 73 22.91 -7.31 22.80
N GLN A 74 23.84 -6.44 22.44
CA GLN A 74 23.58 -5.00 22.57
C GLN A 74 22.87 -4.37 21.36
N ILE A 75 22.54 -5.17 20.33
CA ILE A 75 21.88 -4.61 19.14
C ILE A 75 20.40 -4.96 19.23
N PHE A 76 19.54 -3.94 19.22
CA PHE A 76 18.10 -4.15 19.37
C PHE A 76 17.37 -3.49 18.20
N THR A 77 16.66 -4.30 17.42
CA THR A 77 16.02 -3.82 16.20
C THR A 77 14.51 -3.76 16.36
N SER A 78 13.87 -3.03 15.46
CA SER A 78 12.44 -2.93 15.46
C SER A 78 11.79 -4.30 15.21
N SER A 79 12.49 -5.21 14.51
CA SER A 79 11.91 -6.53 14.22
C SER A 79 11.90 -7.38 15.51
N MET A 80 12.97 -7.26 16.29
CA MET A 80 13.02 -7.88 17.62
C MET A 80 11.95 -7.30 18.55
N ALA A 81 11.76 -5.98 18.53
CA ALA A 81 10.74 -5.36 19.35
C ALA A 81 9.37 -5.91 18.98
N THR A 82 9.16 -6.13 17.68
CA THR A 82 7.86 -6.54 17.21
C THR A 82 7.56 -7.95 17.68
N ALA A 83 8.51 -8.86 17.45
CA ALA A 83 8.39 -10.21 17.95
C ALA A 83 8.11 -10.27 19.47
N ASN A 84 8.91 -9.51 20.24
CA ASN A 84 8.84 -9.50 21.69
C ASN A 84 7.49 -8.96 22.19
N TYR A 85 7.02 -7.89 21.58
CA TYR A 85 5.75 -7.24 21.92
C TYR A 85 4.55 -8.17 21.69
N VAL A 86 4.53 -8.81 20.52
CA VAL A 86 3.52 -9.78 20.20
C VAL A 86 3.59 -10.97 21.16
N TYR A 87 4.80 -11.43 21.44
CA TYR A 87 4.96 -12.61 22.28
C TYR A 87 4.37 -12.39 23.70
N ASP A 88 4.63 -11.21 24.26
CA ASP A 88 4.13 -10.89 25.60
C ASP A 88 2.63 -10.77 25.61
N LEU A 89 2.06 -10.40 24.46
CA LEU A 89 0.60 -10.28 24.36
C LEU A 89 -0.11 -11.61 24.08
N ASP A 90 0.52 -12.49 23.31
CA ASP A 90 -0.04 -13.82 23.09
C ASP A 90 1.02 -14.75 22.52
N GLN A 91 1.60 -15.59 23.37
CA GLN A 91 2.71 -16.41 22.92
C GLN A 91 2.21 -17.59 22.12
N ASN A 92 0.89 -17.83 22.15
CA ASN A 92 0.26 -18.89 21.41
C ASN A 92 -0.43 -18.48 20.10
N ALA A 93 -0.19 -17.25 19.66
CA ALA A 93 -0.70 -16.74 18.40
C ALA A 93 0.06 -17.42 17.28
N MET A 94 -0.69 -17.83 16.28
CA MET A 94 -0.09 -18.31 15.03
C MET A 94 0.23 -17.11 14.16
N ILE A 95 1.50 -17.01 13.76
CA ILE A 95 2.01 -15.84 13.06
C ILE A 95 2.08 -16.04 11.55
N TYR A 96 1.54 -15.07 10.81
CA TYR A 96 1.90 -14.92 9.41
C TYR A 96 2.78 -13.66 9.30
N PHE A 97 3.93 -13.77 8.63
CA PHE A 97 4.78 -12.59 8.42
C PHE A 97 5.27 -12.48 7.01
N ILE A 98 5.50 -11.23 6.65
CA ILE A 98 6.22 -10.82 5.46
C ILE A 98 7.48 -10.21 5.96
N GLY A 99 8.63 -10.73 5.53
CA GLY A 99 9.90 -10.16 5.95
C GLY A 99 11.11 -10.96 5.51
N GLU A 100 12.23 -10.63 6.10
CA GLU A 100 13.47 -11.26 5.72
C GLU A 100 14.07 -11.99 6.93
N GLU A 101 15.36 -12.34 6.85
CA GLU A 101 15.95 -13.21 7.87
C GLU A 101 15.94 -12.59 9.27
N GLY A 102 16.17 -11.29 9.35
CA GLY A 102 16.15 -10.60 10.65
C GLY A 102 14.84 -10.78 11.41
N LEU A 103 13.73 -10.50 10.75
CA LEU A 103 12.42 -10.66 11.39
C LEU A 103 12.14 -12.13 11.63
N TYR A 104 12.48 -12.99 10.69
CA TYR A 104 12.29 -14.43 10.89
C TYR A 104 13.05 -14.91 12.16
N LYS A 105 14.31 -14.49 12.27
CA LYS A 105 15.13 -14.84 13.45
C LYS A 105 14.51 -14.35 14.77
N ALA A 106 14.01 -13.12 14.76
CA ALA A 106 13.41 -12.54 15.96
C ALA A 106 12.19 -13.36 16.37
N LEU A 107 11.41 -13.81 15.39
CA LEU A 107 10.24 -14.65 15.68
C LEU A 107 10.64 -16.06 16.13
N LYS A 108 11.64 -16.63 15.47
CA LYS A 108 12.19 -17.92 15.84
C LYS A 108 12.59 -17.95 17.30
N GLU A 109 13.28 -16.89 17.72
CA GLU A 109 13.78 -16.79 19.09
C GLU A 109 12.65 -16.83 20.11
N LYS A 110 11.45 -16.46 19.69
CA LYS A 110 10.26 -16.51 20.56
C LYS A 110 9.46 -17.80 20.45
N GLY A 111 9.87 -18.73 19.60
CA GLY A 111 9.26 -20.04 19.56
C GLY A 111 7.84 -20.08 19.01
N PHE A 112 7.47 -19.11 18.20
CA PHE A 112 6.11 -19.06 17.65
C PHE A 112 5.81 -20.25 16.75
N SER A 113 4.52 -20.57 16.67
CA SER A 113 3.96 -21.33 15.56
C SER A 113 3.58 -20.38 14.45
N PHE A 114 3.62 -20.87 13.21
CA PHE A 114 3.35 -20.03 12.05
C PHE A 114 2.16 -20.58 11.29
N ALA A 115 1.43 -19.70 10.65
CA ALA A 115 0.31 -20.11 9.80
C ALA A 115 0.06 -19.10 8.69
N ASP A 116 -0.80 -19.46 7.73
CA ASP A 116 -1.08 -18.62 6.58
C ASP A 116 -2.42 -17.89 6.75
N GLU A 117 -3.44 -18.30 5.99
CA GLU A 117 -4.69 -17.55 5.99
C GLU A 117 -5.44 -17.53 7.32
N ASN A 118 -5.23 -18.53 8.19
CA ASN A 118 -5.91 -18.55 9.49
C ASN A 118 -4.99 -18.09 10.65
N ALA A 119 -3.96 -17.32 10.30
CA ALA A 119 -3.06 -16.77 11.27
C ALA A 119 -3.82 -15.87 12.27
N ASP A 120 -3.36 -15.80 13.51
CA ASP A 120 -3.94 -14.88 14.51
C ASP A 120 -3.34 -13.49 14.45
N VAL A 121 -2.10 -13.41 13.97
CA VAL A 121 -1.39 -12.14 13.84
C VAL A 121 -0.66 -12.11 12.51
N VAL A 122 -0.79 -11.00 11.81
CA VAL A 122 -0.05 -10.69 10.58
C VAL A 122 0.99 -9.61 10.90
N ILE A 123 2.25 -9.92 10.67
CA ILE A 123 3.35 -8.96 10.89
C ILE A 123 3.94 -8.60 9.54
N VAL A 124 3.88 -7.30 9.21
CA VAL A 124 4.43 -6.84 7.96
C VAL A 124 5.77 -6.19 8.18
N GLY A 125 6.81 -6.79 7.60
CA GLY A 125 8.13 -6.16 7.52
C GLY A 125 8.59 -6.03 6.06
N LEU A 126 9.69 -5.34 5.82
CA LEU A 126 10.26 -5.28 4.47
C LEU A 126 10.69 -6.68 3.97
N ASP A 127 10.21 -7.02 2.79
CA ASP A 127 10.64 -8.21 2.08
C ASP A 127 10.93 -7.78 0.65
N ARG A 128 12.22 -7.76 0.29
CA ARG A 128 12.64 -7.35 -1.06
C ARG A 128 12.45 -8.42 -2.11
N GLU A 129 11.85 -9.55 -1.69
CA GLU A 129 11.33 -10.53 -2.64
C GLU A 129 9.82 -10.76 -2.46
N VAL A 130 9.11 -9.74 -1.98
CA VAL A 130 7.68 -9.88 -1.81
C VAL A 130 6.99 -10.22 -3.13
N THR A 131 5.84 -10.89 -3.06
CA THR A 131 5.08 -11.30 -4.25
C THR A 131 3.60 -11.03 -4.01
N TYR A 132 2.80 -11.07 -5.08
CA TYR A 132 1.38 -10.93 -4.97
C TYR A 132 0.82 -11.91 -3.93
N GLU A 133 1.22 -13.17 -4.01
CA GLU A 133 0.64 -14.19 -3.14
C GLU A 133 0.99 -13.93 -1.66
N LYS A 134 2.23 -13.52 -1.40
CA LYS A 134 2.63 -13.16 -0.03
C LYS A 134 1.75 -12.04 0.54
N LEU A 135 1.45 -11.01 -0.26
CA LEU A 135 0.58 -9.90 0.16
C LEU A 135 -0.87 -10.33 0.27
N ALA A 136 -1.32 -11.16 -0.66
CA ALA A 136 -2.67 -11.71 -0.62
C ALA A 136 -2.91 -12.53 0.66
N VAL A 137 -1.98 -13.40 1.05
CA VAL A 137 -2.19 -14.18 2.28
C VAL A 137 -2.39 -13.22 3.50
N ALA A 138 -1.59 -12.14 3.56
CA ALA A 138 -1.72 -11.15 4.63
C ALA A 138 -3.13 -10.58 4.65
N CYS A 139 -3.63 -10.17 3.47
CA CYS A 139 -4.99 -9.64 3.36
C CYS A 139 -6.05 -10.66 3.81
N LEU A 140 -5.91 -11.90 3.38
CA LEU A 140 -6.90 -12.90 3.74
C LEU A 140 -6.88 -13.19 5.27
N ALA A 141 -5.69 -13.21 5.85
CA ALA A 141 -5.58 -13.43 7.30
C ALA A 141 -6.20 -12.27 8.08
N VAL A 142 -5.92 -11.04 7.67
CA VAL A 142 -6.54 -9.89 8.32
C VAL A 142 -8.08 -9.97 8.21
N ARG A 143 -8.56 -10.36 7.04
CA ARG A 143 -10.01 -10.44 6.86
C ARG A 143 -10.57 -11.62 7.64
N ASN A 144 -9.71 -12.57 8.00
CA ASN A 144 -10.07 -13.64 8.93
C ASN A 144 -9.87 -13.26 10.40
N GLY A 145 -9.68 -11.97 10.68
CA GLY A 145 -9.61 -11.51 12.07
C GLY A 145 -8.23 -11.33 12.66
N ALA A 146 -7.19 -11.57 11.87
CA ALA A 146 -5.83 -11.40 12.39
C ALA A 146 -5.54 -9.95 12.74
N LYS A 147 -4.81 -9.75 13.81
CA LYS A 147 -4.28 -8.43 14.11
C LYS A 147 -3.24 -8.06 13.07
N LEU A 148 -3.19 -6.76 12.73
CA LEU A 148 -2.23 -6.31 11.74
C LEU A 148 -1.19 -5.44 12.43
N ILE A 149 0.04 -5.93 12.37
CA ILE A 149 1.19 -5.25 12.99
C ILE A 149 2.22 -4.97 11.90
N SER A 150 2.84 -3.80 11.94
CA SER A 150 3.90 -3.43 11.01
C SER A 150 5.16 -3.08 11.75
N THR A 151 6.27 -3.67 11.33
CA THR A 151 7.54 -3.44 12.02
C THR A 151 7.96 -1.98 11.94
N ASN A 152 7.98 -1.41 10.73
CA ASN A 152 8.36 -0.01 10.51
C ASN A 152 7.30 0.65 9.62
N GLY A 153 7.39 1.98 9.51
CA GLY A 153 6.46 2.76 8.73
C GLY A 153 7.07 3.43 7.52
N ASP A 154 8.36 3.22 7.27
CA ASP A 154 9.05 3.95 6.20
C ASP A 154 8.41 3.68 4.83
N LEU A 155 8.15 4.75 4.08
CA LEU A 155 7.47 4.65 2.76
C LEU A 155 8.42 4.34 1.61
N ALA A 156 9.66 4.77 1.75
CA ALA A 156 10.66 4.61 0.73
C ALA A 156 11.98 4.31 1.42
N LEU A 157 12.89 3.68 0.69
CA LEU A 157 14.20 3.34 1.23
C LEU A 157 15.31 3.78 0.28
N PRO A 158 16.24 4.64 0.74
CA PRO A 158 17.30 5.12 -0.15
C PRO A 158 18.26 4.00 -0.45
N THR A 159 18.52 3.74 -1.74
CA THR A 159 19.51 2.76 -2.14
C THR A 159 20.32 3.29 -3.31
N GLU A 160 21.33 2.50 -3.67
CA GLU A 160 22.13 2.68 -4.88
C GLU A 160 21.24 3.07 -6.07
N ARG A 161 20.17 2.31 -6.27
CA ARG A 161 19.30 2.53 -7.43
C ARG A 161 18.39 3.75 -7.30
N GLY A 162 18.21 4.23 -6.09
CA GLY A 162 17.24 5.28 -5.83
C GLY A 162 16.34 4.88 -4.67
N PHE A 163 15.18 5.54 -4.55
CA PHE A 163 14.23 5.25 -3.49
C PHE A 163 13.27 4.09 -3.81
N MET A 164 13.53 2.96 -3.17
CA MET A 164 12.75 1.74 -3.33
C MET A 164 11.55 1.68 -2.38
N PRO A 165 10.56 0.82 -2.66
CA PRO A 165 9.39 0.75 -1.78
C PRO A 165 9.77 0.28 -0.36
N GLY A 166 9.27 0.98 0.65
CA GLY A 166 9.56 0.63 2.04
C GLY A 166 8.44 -0.14 2.71
N ASN A 167 8.76 -0.69 3.88
CA ASN A 167 7.84 -1.47 4.74
C ASN A 167 6.48 -0.81 4.83
N GLY A 168 6.48 0.50 5.07
CA GLY A 168 5.24 1.21 5.30
C GLY A 168 4.36 1.24 4.06
N ALA A 169 4.98 1.17 2.88
CA ALA A 169 4.20 1.16 1.63
C ALA A 169 3.43 -0.15 1.47
N PHE A 170 4.04 -1.25 1.88
CA PHE A 170 3.39 -2.55 1.91
C PHE A 170 2.28 -2.63 2.95
N THR A 171 2.51 -2.00 4.10
CA THR A 171 1.45 -1.95 5.11
C THR A 171 0.25 -1.12 4.59
N ALA A 172 0.53 -0.04 3.87
CA ALA A 172 -0.55 0.77 3.30
C ALA A 172 -1.44 -0.04 2.32
N LEU A 173 -0.81 -0.86 1.47
CA LEU A 173 -1.52 -1.76 0.58
C LEU A 173 -2.48 -2.68 1.33
N ILE A 174 -1.99 -3.33 2.39
CA ILE A 174 -2.79 -4.30 3.13
C ILE A 174 -3.88 -3.59 3.90
N SER A 175 -3.53 -2.43 4.46
CA SER A 175 -4.46 -1.65 5.22
C SER A 175 -5.60 -1.12 4.34
N TYR A 176 -5.26 -0.61 3.16
CA TYR A 176 -6.28 -0.16 2.20
C TYR A 176 -7.18 -1.31 1.72
N SER A 177 -6.58 -2.42 1.33
CA SER A 177 -7.34 -3.52 0.81
C SER A 177 -8.28 -4.04 1.89
N THR A 178 -7.81 -4.15 3.12
CA THR A 178 -8.60 -4.85 4.13
C THR A 178 -9.46 -3.88 4.93
N GLN A 179 -9.18 -2.58 4.82
CA GLN A 179 -9.83 -1.56 5.64
C GLN A 179 -9.61 -1.81 7.13
N VAL A 180 -8.40 -2.27 7.46
CA VAL A 180 -7.95 -2.43 8.83
C VAL A 180 -6.67 -1.63 9.07
N LYS A 181 -6.66 -0.83 10.14
CA LYS A 181 -5.45 -0.07 10.51
C LYS A 181 -4.42 -0.93 11.20
N ALA A 182 -3.13 -0.69 10.91
CA ALA A 182 -2.07 -1.44 11.53
C ALA A 182 -1.60 -0.77 12.81
N THR A 183 -1.05 -1.57 13.71
CA THR A 183 -0.25 -1.10 14.83
C THR A 183 1.23 -1.08 14.39
N PHE A 184 1.89 0.07 14.46
CA PHE A 184 3.27 0.20 14.03
C PHE A 184 4.19 0.18 15.25
N VAL A 185 5.29 -0.55 15.16
CA VAL A 185 6.21 -0.71 16.31
C VAL A 185 7.45 0.18 16.24
N GLY A 186 8.08 0.27 15.08
CA GLY A 186 9.34 0.96 14.95
C GLY A 186 9.26 2.47 15.09
N LYS A 187 10.42 3.09 15.23
CA LYS A 187 10.53 4.54 15.38
C LYS A 187 9.84 5.19 14.16
N PRO A 188 9.07 6.29 14.34
CA PRO A 188 8.91 7.13 15.54
C PRO A 188 7.83 6.71 16.55
N GLU A 189 7.32 5.48 16.47
CA GLU A 189 6.38 5.00 17.48
C GLU A 189 7.14 4.62 18.78
N PRO A 190 6.45 4.67 19.92
CA PRO A 190 7.10 4.43 21.21
C PRO A 190 7.31 2.96 21.52
N ILE A 191 6.60 2.06 20.82
CA ILE A 191 6.60 0.65 21.18
C ILE A 191 8.05 0.09 21.17
N ILE A 192 8.80 0.41 20.13
CA ILE A 192 10.16 -0.08 20.02
C ILE A 192 10.95 0.33 21.27
N MET A 193 10.69 1.53 21.77
CA MET A 193 11.50 2.06 22.86
C MET A 193 11.15 1.40 24.20
N GLU A 194 9.86 1.15 24.45
CA GLU A 194 9.43 0.34 25.59
C GLU A 194 10.06 -1.08 25.54
N GLN A 195 10.08 -1.69 24.36
CA GLN A 195 10.68 -3.03 24.21
C GLN A 195 12.17 -2.97 24.45
N ALA A 196 12.80 -1.88 24.04
CA ALA A 196 14.22 -1.74 24.30
C ALA A 196 14.50 -1.56 25.79
N LEU A 197 13.66 -0.78 26.48
CA LEU A 197 13.80 -0.62 27.93
C LEU A 197 13.72 -1.93 28.67
N LYS A 198 12.85 -2.82 28.18
CA LYS A 198 12.72 -4.17 28.78
C LYS A 198 14.03 -4.90 28.74
N VAL A 199 14.68 -4.85 27.58
CA VAL A 199 15.92 -5.59 27.38
C VAL A 199 17.06 -4.94 28.19
N LEU A 200 17.11 -3.62 28.18
CA LEU A 200 18.19 -2.89 28.82
C LEU A 200 18.12 -3.02 30.34
N GLY A 201 16.91 -3.07 30.88
CA GLY A 201 16.66 -3.35 32.28
C GLY A 201 16.60 -2.16 33.22
N THR A 202 16.92 -0.97 32.73
CA THR A 202 16.95 0.20 33.59
C THR A 202 15.56 0.87 33.67
N ASN A 203 15.38 1.72 34.67
CA ASN A 203 14.14 2.47 34.83
C ASN A 203 13.98 3.59 33.81
N LYS A 204 12.75 3.83 33.39
CA LYS A 204 12.43 4.81 32.36
C LYS A 204 12.99 6.18 32.70
N ASN A 205 12.78 6.62 33.95
CA ASN A 205 13.24 7.94 34.34
C ASN A 205 14.74 8.03 34.61
N GLU A 206 15.45 6.91 34.54
CA GLU A 206 16.91 6.92 34.67
C GLU A 206 17.62 6.50 33.38
N THR A 207 16.87 6.53 32.27
CA THR A 207 17.37 6.08 30.97
C THR A 207 17.29 7.27 29.96
N ILE A 208 18.29 7.40 29.09
CA ILE A 208 18.27 8.44 28.07
C ILE A 208 18.51 7.87 26.69
N MET A 209 17.73 8.36 25.72
CA MET A 209 17.94 7.97 24.31
C MET A 209 18.77 9.05 23.63
N VAL A 210 19.80 8.61 22.91
CA VAL A 210 20.75 9.48 22.24
C VAL A 210 20.64 9.26 20.75
N GLY A 211 20.45 10.35 20.01
CA GLY A 211 20.35 10.26 18.56
C GLY A 211 20.61 11.58 17.88
N ASP A 212 20.46 11.64 16.56
CA ASP A 212 20.67 12.88 15.84
C ASP A 212 19.61 13.17 14.76
N ASN A 213 18.55 12.38 14.75
CA ASN A 213 17.41 12.63 13.87
C ASN A 213 16.17 12.75 14.74
N TYR A 214 15.40 13.81 14.53
CA TYR A 214 14.25 14.09 15.39
C TYR A 214 12.99 13.40 14.90
N ASP A 215 12.66 13.63 13.63
CA ASP A 215 11.39 13.23 13.02
C ASP A 215 11.13 11.74 13.06
N THR A 216 12.16 10.95 12.85
CA THR A 216 11.98 9.50 12.85
C THR A 216 12.45 8.94 14.18
N ASP A 217 13.59 9.39 14.67
CA ASP A 217 14.27 8.65 15.72
C ASP A 217 13.99 9.16 17.14
N ILE A 218 14.38 10.38 17.45
CA ILE A 218 14.26 10.88 18.84
C ILE A 218 12.79 11.05 19.27
N LEU A 219 11.90 11.30 18.31
CA LEU A 219 10.47 11.41 18.61
C LEU A 219 9.94 10.13 19.29
N ALA A 220 10.52 8.99 18.93
CA ALA A 220 10.09 7.71 19.52
C ALA A 220 10.37 7.73 21.03
N GLY A 221 11.54 8.21 21.41
CA GLY A 221 11.92 8.29 22.79
C GLY A 221 11.05 9.25 23.58
N ILE A 222 10.80 10.41 22.99
CA ILE A 222 9.89 11.40 23.55
C ILE A 222 8.53 10.78 23.82
N ARG A 223 7.96 10.14 22.80
CA ARG A 223 6.65 9.52 22.93
C ARG A 223 6.60 8.38 23.99
N ALA A 224 7.72 7.71 24.15
CA ALA A 224 7.81 6.59 25.05
C ALA A 224 8.02 7.02 26.49
N GLY A 225 8.26 8.31 26.71
CA GLY A 225 8.38 8.85 28.05
C GLY A 225 9.83 8.87 28.51
N LEU A 226 10.75 8.71 27.58
CA LEU A 226 12.18 8.84 27.91
C LEU A 226 12.72 10.26 27.69
N ASP A 227 13.68 10.66 28.52
CA ASP A 227 14.52 11.82 28.25
C ASP A 227 15.39 11.54 27.00
N THR A 228 15.72 12.60 26.27
CA THR A 228 16.40 12.44 24.99
C THR A 228 17.54 13.44 24.82
N LEU A 229 18.60 12.98 24.19
CA LEU A 229 19.70 13.84 23.80
C LEU A 229 19.78 13.82 22.28
N LEU A 230 19.60 14.98 21.69
CA LEU A 230 19.70 15.11 20.23
C LEU A 230 21.03 15.79 19.94
N VAL A 231 21.95 15.10 19.27
CA VAL A 231 23.22 15.72 18.90
C VAL A 231 23.20 16.18 17.45
N HIS A 232 24.25 16.90 17.07
CA HIS A 232 24.48 17.38 15.70
C HIS A 232 23.46 18.46 15.31
N THR A 233 23.01 19.18 16.32
CA THR A 233 22.08 20.27 16.13
C THR A 233 22.83 21.55 15.79
N GLY A 234 22.08 22.53 15.29
CA GLY A 234 22.57 23.87 15.06
C GLY A 234 21.51 24.90 15.44
N VAL A 235 21.88 26.17 15.29
CA VAL A 235 21.01 27.29 15.59
C VAL A 235 19.63 27.14 14.94
N THR A 236 19.58 26.75 13.67
CA THR A 236 18.30 26.71 12.96
C THR A 236 17.44 25.53 13.40
N THR A 237 18.06 24.37 13.60
CA THR A 237 17.28 23.22 13.98
C THR A 237 16.75 23.33 15.42
N VAL A 238 17.52 23.96 16.30
CA VAL A 238 17.06 24.20 17.66
C VAL A 238 15.83 25.11 17.64
N GLU A 239 15.93 26.22 16.91
CA GLU A 239 14.81 27.15 16.70
C GLU A 239 13.58 26.46 16.17
N LYS A 240 13.77 25.58 15.18
CA LYS A 240 12.65 24.88 14.56
C LYS A 240 11.94 23.98 15.56
N LEU A 241 12.70 23.24 16.36
CA LEU A 241 12.08 22.29 17.25
C LEU A 241 11.31 23.02 18.36
N LYS A 242 11.70 24.25 18.65
CA LYS A 242 10.99 25.02 19.68
C LYS A 242 9.57 25.37 19.23
N GLU A 243 9.29 25.18 17.94
CA GLU A 243 7.97 25.46 17.38
C GLU A 243 7.06 24.26 17.45
N TYR A 244 7.63 23.09 17.68
CA TYR A 244 6.87 21.85 17.70
C TYR A 244 6.22 21.63 19.06
N LYS A 245 5.33 20.63 19.15
CA LYS A 245 4.71 20.28 20.41
C LYS A 245 5.73 19.75 21.40
N GLN A 246 6.69 18.95 20.93
CA GLN A 246 7.64 18.30 21.84
C GLN A 246 9.09 18.57 21.42
N GLN A 247 9.98 18.74 22.38
CA GLN A 247 11.38 19.04 22.12
C GLN A 247 12.22 17.97 22.76
N PRO A 248 13.45 17.78 22.28
CA PRO A 248 14.32 16.85 22.99
C PRO A 248 14.68 17.44 24.35
N THR A 249 15.07 16.59 25.29
CA THR A 249 15.42 17.08 26.61
C THR A 249 16.68 17.95 26.51
N TYR A 250 17.64 17.54 25.69
CA TYR A 250 18.88 18.29 25.51
C TYR A 250 19.24 18.30 24.03
N SER A 251 19.88 19.38 23.63
CA SER A 251 20.42 19.60 22.29
C SER A 251 21.87 20.06 22.34
N MET A 252 22.73 19.33 21.65
CA MET A 252 24.15 19.62 21.64
C MET A 252 24.72 19.43 20.24
N LYS A 253 25.93 19.95 20.06
CA LYS A 253 26.60 19.88 18.77
C LYS A 253 27.19 18.51 18.55
N SER A 254 27.63 17.87 19.62
CA SER A 254 28.47 16.69 19.50
C SER A 254 28.31 15.78 20.70
N LEU A 255 28.45 14.48 20.50
CA LEU A 255 28.62 13.58 21.63
C LEU A 255 29.75 14.00 22.59
N ASP A 256 30.77 14.68 22.05
CA ASP A 256 31.91 15.13 22.84
C ASP A 256 31.47 16.11 23.93
N ASP A 257 30.29 16.70 23.80
CA ASP A 257 29.85 17.73 24.73
C ASP A 257 29.06 17.13 25.89
N TRP A 258 28.65 15.88 25.80
CA TRP A 258 27.82 15.30 26.84
C TRP A 258 28.62 14.97 28.11
N LYS A 259 28.07 15.38 29.24
CA LYS A 259 28.62 15.04 30.54
C LYS A 259 27.71 13.98 31.17
N PHE A 260 28.28 13.02 31.88
CA PHE A 260 27.51 11.83 32.29
C PHE A 260 26.69 12.10 33.55
N LEU A 261 25.71 13.00 33.38
CA LEU A 261 24.79 13.42 34.43
C LEU A 261 24.14 12.25 35.17
N MET B 7 -38.51 7.24 -30.12
CA MET B 7 -38.80 8.25 -29.13
C MET B 7 -38.57 7.81 -27.68
N ARG B 8 -37.81 6.74 -27.47
CA ARG B 8 -37.43 6.36 -26.11
C ARG B 8 -36.55 7.40 -25.42
N LYS B 9 -36.60 7.43 -24.10
CA LYS B 9 -35.78 8.33 -23.35
C LYS B 9 -34.33 7.88 -23.49
N TYR B 10 -34.08 6.58 -23.37
CA TYR B 10 -32.71 6.04 -23.47
C TYR B 10 -32.51 5.25 -24.74
N ASN B 11 -31.59 5.74 -25.57
CA ASN B 11 -31.30 5.13 -26.87
C ASN B 11 -29.91 4.52 -26.89
N GLY B 12 -29.29 4.46 -25.71
CA GLY B 12 -28.00 3.81 -25.54
C GLY B 12 -27.74 3.46 -24.08
N TYR B 13 -27.09 2.34 -23.89
CA TYR B 13 -26.87 1.77 -22.56
C TYR B 13 -25.41 1.42 -22.36
N LEU B 14 -24.83 1.95 -21.29
CA LEU B 14 -23.57 1.49 -20.78
C LEU B 14 -23.87 0.55 -19.63
N ILE B 15 -23.29 -0.64 -19.69
CA ILE B 15 -23.67 -1.73 -18.79
C ILE B 15 -22.48 -2.37 -18.09
N ASP B 16 -22.55 -2.38 -16.77
CA ASP B 16 -21.55 -3.02 -15.93
C ASP B 16 -21.53 -4.53 -16.15
N LEU B 17 -20.40 -5.16 -15.86
CA LEU B 17 -20.31 -6.61 -15.95
C LEU B 17 -20.46 -7.32 -14.60
N ASP B 18 -19.40 -7.38 -13.81
CA ASP B 18 -19.44 -8.20 -12.58
C ASP B 18 -20.40 -7.61 -11.53
N GLY B 19 -21.40 -8.43 -11.16
CA GLY B 19 -22.46 -8.06 -10.25
C GLY B 19 -23.72 -7.61 -10.97
N THR B 20 -23.64 -7.49 -12.29
CA THR B 20 -24.76 -6.96 -13.09
C THR B 20 -25.14 -7.93 -14.21
N MET B 21 -24.16 -8.35 -15.01
CA MET B 21 -24.38 -9.37 -16.05
C MET B 21 -24.10 -10.79 -15.53
N TYR B 22 -23.20 -10.90 -14.57
CA TYR B 22 -22.91 -12.19 -13.95
C TYR B 22 -22.24 -11.98 -12.58
N ARG B 23 -22.32 -12.98 -11.70
CA ARG B 23 -21.54 -12.98 -10.46
C ARG B 23 -20.40 -13.99 -10.56
N GLY B 24 -19.18 -13.49 -10.71
CA GLY B 24 -18.03 -14.36 -10.91
C GLY B 24 -18.24 -15.23 -12.13
N THR B 25 -18.50 -16.52 -11.89
CA THR B 25 -18.81 -17.46 -12.96
C THR B 25 -20.32 -17.64 -13.07
N GLU B 26 -21.01 -17.28 -12.00
CA GLU B 26 -22.42 -17.58 -11.81
C GLU B 26 -23.34 -16.63 -12.59
N ARG B 27 -24.33 -17.20 -13.26
CA ARG B 27 -25.28 -16.46 -14.08
C ARG B 27 -26.26 -15.63 -13.24
N ILE B 28 -26.55 -14.40 -13.70
CA ILE B 28 -27.67 -13.61 -13.17
C ILE B 28 -28.79 -13.76 -14.19
N ASP B 29 -29.89 -14.39 -13.79
CA ASP B 29 -30.86 -14.88 -14.78
C ASP B 29 -31.49 -13.80 -15.67
N ALA B 30 -31.80 -12.64 -15.09
CA ALA B 30 -32.48 -11.57 -15.81
C ALA B 30 -31.56 -10.78 -16.77
N ALA B 31 -30.26 -10.95 -16.61
CA ALA B 31 -29.30 -10.29 -17.49
C ALA B 31 -29.50 -10.70 -18.95
N SER B 32 -29.68 -11.99 -19.18
CA SER B 32 -29.84 -12.47 -20.55
C SER B 32 -31.09 -11.83 -21.21
N GLY B 33 -32.21 -11.82 -20.50
CA GLY B 33 -33.45 -11.30 -21.08
C GLY B 33 -33.34 -9.82 -21.35
N PHE B 34 -32.63 -9.12 -20.47
CA PHE B 34 -32.46 -7.69 -20.59
C PHE B 34 -31.66 -7.35 -21.86
N ILE B 35 -30.54 -8.03 -22.08
CA ILE B 35 -29.72 -7.73 -23.25
C ILE B 35 -30.44 -8.12 -24.54
N LYS B 36 -31.15 -9.25 -24.49
CA LYS B 36 -31.87 -9.69 -25.64
C LYS B 36 -32.96 -8.69 -25.99
N GLU B 37 -33.48 -8.00 -24.98
CA GLU B 37 -34.54 -7.02 -25.26
C GLU B 37 -33.92 -5.82 -25.95
N LEU B 38 -32.75 -5.38 -25.49
CA LEU B 38 -32.04 -4.29 -26.15
C LEU B 38 -31.78 -4.63 -27.62
N ASN B 39 -31.43 -5.89 -27.89
CA ASN B 39 -31.19 -6.27 -29.28
C ASN B 39 -32.45 -6.25 -30.13
N ARG B 40 -33.57 -6.63 -29.54
CA ARG B 40 -34.84 -6.62 -30.26
C ARG B 40 -35.33 -5.21 -30.55
N LEU B 41 -34.93 -4.24 -29.72
CA LEU B 41 -35.33 -2.85 -29.92
C LEU B 41 -34.26 -2.12 -30.72
N HIS B 42 -33.25 -2.87 -31.16
CA HIS B 42 -32.09 -2.30 -31.86
C HIS B 42 -31.38 -1.17 -31.11
N ILE B 43 -31.39 -1.24 -29.78
CA ILE B 43 -30.70 -0.26 -28.95
C ILE B 43 -29.24 -0.67 -28.74
N PRO B 44 -28.30 0.20 -29.14
CA PRO B 44 -26.91 -0.15 -28.90
C PRO B 44 -26.53 -0.10 -27.43
N TYR B 45 -25.62 -1.00 -27.09
CA TYR B 45 -25.09 -1.06 -25.75
C TYR B 45 -23.62 -1.36 -25.80
N LEU B 46 -22.96 -1.03 -24.70
CA LEU B 46 -21.54 -1.24 -24.51
C LEU B 46 -21.35 -1.69 -23.07
N PHE B 47 -20.64 -2.81 -22.89
CA PHE B 47 -20.27 -3.27 -21.56
C PHE B 47 -19.01 -2.53 -21.11
N VAL B 48 -19.05 -1.99 -19.90
CA VAL B 48 -17.96 -1.17 -19.38
C VAL B 48 -17.48 -1.79 -18.08
N THR B 49 -16.26 -2.32 -18.09
CA THR B 49 -15.72 -3.06 -16.95
C THR B 49 -14.36 -2.52 -16.51
N ASN B 50 -14.17 -2.53 -15.19
CA ASN B 50 -12.89 -2.12 -14.63
C ASN B 50 -11.84 -3.20 -14.76
N ASN B 51 -12.25 -4.39 -15.20
CA ASN B 51 -11.32 -5.51 -15.40
C ASN B 51 -10.11 -5.08 -16.26
N SER B 52 -8.89 -5.26 -15.73
CA SER B 52 -7.69 -4.90 -16.49
C SER B 52 -6.94 -6.13 -17.03
N THR B 53 -7.45 -7.32 -16.76
CA THR B 53 -6.69 -8.54 -17.04
C THR B 53 -7.08 -9.25 -18.32
N ARG B 54 -8.32 -9.06 -18.79
CA ARG B 54 -8.79 -9.87 -19.90
C ARG B 54 -8.96 -9.02 -21.15
N THR B 55 -8.79 -9.68 -22.29
CA THR B 55 -8.97 -9.02 -23.56
C THR B 55 -10.47 -8.96 -23.86
N PRO B 56 -10.86 -8.08 -24.76
CA PRO B 56 -12.28 -7.97 -25.10
C PRO B 56 -12.85 -9.25 -25.69
N GLU B 57 -12.02 -10.00 -26.43
CA GLU B 57 -12.44 -11.26 -27.01
C GLU B 57 -12.79 -12.24 -25.90
N GLN B 58 -12.00 -12.25 -24.83
CA GLN B 58 -12.24 -13.16 -23.72
C GLN B 58 -13.51 -12.79 -22.91
N VAL B 59 -13.68 -11.50 -22.64
CA VAL B 59 -14.87 -11.06 -21.90
C VAL B 59 -16.11 -11.41 -22.73
N ALA B 60 -16.07 -11.11 -24.02
CA ALA B 60 -17.24 -11.29 -24.85
C ALA B 60 -17.59 -12.77 -24.95
N ASP B 61 -16.58 -13.64 -24.95
CA ASP B 61 -16.82 -15.08 -25.01
C ASP B 61 -17.45 -15.59 -23.72
N LYS B 62 -17.00 -15.08 -22.59
CA LYS B 62 -17.67 -15.38 -21.35
C LYS B 62 -19.16 -15.03 -21.46
N LEU B 63 -19.45 -13.84 -21.95
CA LEU B 63 -20.85 -13.42 -22.02
C LEU B 63 -21.66 -14.37 -22.92
N VAL B 64 -21.16 -14.59 -24.13
CA VAL B 64 -21.83 -15.53 -25.05
C VAL B 64 -22.04 -16.89 -24.38
N SER B 65 -21.10 -17.36 -23.57
CA SER B 65 -21.21 -18.67 -22.94
C SER B 65 -22.32 -18.67 -21.87
N LEU B 66 -22.69 -17.47 -21.42
CA LEU B 66 -23.77 -17.31 -20.46
C LEU B 66 -25.07 -16.93 -21.15
N ASP B 67 -25.06 -16.96 -22.48
CA ASP B 67 -26.26 -16.71 -23.29
C ASP B 67 -26.60 -15.24 -23.30
N ILE B 68 -25.57 -14.41 -23.19
CA ILE B 68 -25.73 -12.97 -23.26
C ILE B 68 -25.03 -12.48 -24.53
N PRO B 69 -25.82 -12.02 -25.53
CA PRO B 69 -25.19 -11.63 -26.80
C PRO B 69 -24.13 -10.55 -26.65
N ALA B 70 -22.90 -10.86 -27.04
CA ALA B 70 -21.83 -9.87 -27.04
C ALA B 70 -20.78 -10.13 -28.10
N THR B 71 -20.34 -9.07 -28.75
CA THR B 71 -19.19 -9.12 -29.65
C THR B 71 -18.02 -8.45 -28.94
N PRO B 72 -16.78 -8.80 -29.32
CA PRO B 72 -15.62 -8.14 -28.72
C PRO B 72 -15.77 -6.62 -28.81
N GLU B 73 -16.36 -6.15 -29.90
CA GLU B 73 -16.50 -4.72 -30.14
C GLU B 73 -17.48 -4.05 -29.13
N GLN B 74 -18.30 -4.84 -28.46
CA GLN B 74 -19.21 -4.33 -27.42
C GLN B 74 -18.61 -4.36 -25.99
N ILE B 75 -17.31 -4.65 -25.88
CA ILE B 75 -16.63 -4.69 -24.58
C ILE B 75 -15.68 -3.51 -24.49
N PHE B 76 -15.77 -2.77 -23.39
CA PHE B 76 -14.87 -1.65 -23.17
C PHE B 76 -14.29 -1.77 -21.78
N THR B 77 -13.03 -2.17 -21.71
CA THR B 77 -12.35 -2.40 -20.44
C THR B 77 -11.48 -1.24 -20.02
N SER B 78 -11.04 -1.28 -18.76
CA SER B 78 -10.18 -0.24 -18.23
C SER B 78 -8.84 -0.27 -18.94
N SER B 79 -8.42 -1.43 -19.41
CA SER B 79 -7.19 -1.49 -20.20
C SER B 79 -7.31 -0.72 -21.51
N MET B 80 -8.40 -0.95 -22.22
CA MET B 80 -8.65 -0.23 -23.44
C MET B 80 -8.68 1.25 -23.16
N ALA B 81 -9.40 1.64 -22.11
CA ALA B 81 -9.56 3.05 -21.83
C ALA B 81 -8.22 3.70 -21.45
N THR B 82 -7.42 2.98 -20.66
CA THR B 82 -6.12 3.45 -20.25
C THR B 82 -5.24 3.66 -21.47
N ALA B 83 -5.24 2.70 -22.39
CA ALA B 83 -4.42 2.78 -23.60
C ALA B 83 -4.82 4.03 -24.40
N ASN B 84 -6.12 4.26 -24.54
CA ASN B 84 -6.63 5.40 -25.27
C ASN B 84 -6.22 6.72 -24.61
N TYR B 85 -6.36 6.77 -23.29
CA TYR B 85 -6.08 7.99 -22.51
C TYR B 85 -4.61 8.34 -22.65
N VAL B 86 -3.74 7.34 -22.49
CA VAL B 86 -2.32 7.60 -22.62
C VAL B 86 -1.96 8.08 -24.03
N TYR B 87 -2.55 7.44 -25.04
CA TYR B 87 -2.36 7.87 -26.43
C TYR B 87 -2.70 9.33 -26.60
N ASP B 88 -3.77 9.77 -25.93
CA ASP B 88 -4.18 11.19 -25.98
C ASP B 88 -3.18 12.12 -25.31
N LEU B 89 -2.47 11.62 -24.31
CA LEU B 89 -1.44 12.41 -23.62
C LEU B 89 -0.15 12.51 -24.42
N ASP B 90 0.27 11.36 -24.96
CA ASP B 90 1.52 11.27 -25.74
C ASP B 90 1.55 9.95 -26.51
N GLN B 91 1.33 10.08 -27.80
CA GLN B 91 1.28 8.93 -28.69
C GLN B 91 2.59 8.15 -28.70
N ASN B 92 3.70 8.79 -28.34
CA ASN B 92 5.00 8.17 -28.45
C ASN B 92 5.63 7.89 -27.10
N ALA B 93 4.81 7.86 -26.06
CA ALA B 93 5.30 7.58 -24.73
C ALA B 93 5.95 6.21 -24.66
N MET B 94 7.08 6.15 -23.96
CA MET B 94 7.72 4.91 -23.55
C MET B 94 7.06 4.49 -22.23
N ILE B 95 6.44 3.32 -22.23
CA ILE B 95 5.60 2.91 -21.12
C ILE B 95 6.27 1.84 -20.29
N TYR B 96 6.23 2.01 -18.98
CA TYR B 96 6.45 0.90 -18.07
C TYR B 96 5.09 0.54 -17.49
N PHE B 97 4.68 -0.72 -17.62
CA PHE B 97 3.41 -1.15 -17.00
C PHE B 97 3.55 -2.34 -16.10
N ILE B 98 2.68 -2.38 -15.09
CA ILE B 98 2.44 -3.57 -14.31
C ILE B 98 1.09 -4.07 -14.78
N GLY B 99 0.98 -5.33 -15.14
CA GLY B 99 -0.32 -5.86 -15.54
C GLY B 99 -0.22 -7.23 -16.18
N GLU B 100 -1.35 -7.69 -16.70
CA GLU B 100 -1.45 -8.99 -17.33
C GLU B 100 -1.79 -8.84 -18.82
N GLU B 101 -2.15 -9.95 -19.46
CA GLU B 101 -2.45 -9.98 -20.88
C GLU B 101 -3.31 -8.83 -21.41
N GLY B 102 -4.43 -8.58 -20.77
CA GLY B 102 -5.37 -7.58 -21.26
C GLY B 102 -4.72 -6.22 -21.43
N LEU B 103 -3.97 -5.79 -20.43
CA LEU B 103 -3.39 -4.46 -20.46
C LEU B 103 -2.25 -4.45 -21.48
N TYR B 104 -1.42 -5.46 -21.42
CA TYR B 104 -0.33 -5.56 -22.39
C TYR B 104 -0.83 -5.46 -23.83
N LYS B 105 -1.86 -6.23 -24.17
CA LYS B 105 -2.40 -6.24 -25.52
C LYS B 105 -3.03 -4.93 -25.92
N ALA B 106 -3.68 -4.25 -24.97
CA ALA B 106 -4.30 -2.97 -25.27
C ALA B 106 -3.19 -1.98 -25.62
N LEU B 107 -2.12 -2.03 -24.86
CA LEU B 107 -1.02 -1.07 -25.02
C LEU B 107 -0.27 -1.37 -26.31
N LYS B 108 -0.08 -2.64 -26.61
CA LYS B 108 0.65 -3.02 -27.82
C LYS B 108 -0.15 -2.63 -29.05
N GLU B 109 -1.43 -2.98 -29.06
CA GLU B 109 -2.28 -2.69 -30.20
C GLU B 109 -2.40 -1.18 -30.48
N LYS B 110 -2.25 -0.37 -29.44
CA LYS B 110 -2.30 1.07 -29.59
C LYS B 110 -0.95 1.63 -30.07
N GLY B 111 0.07 0.77 -30.15
CA GLY B 111 1.31 1.13 -30.84
C GLY B 111 2.44 1.53 -29.90
N PHE B 112 2.29 1.28 -28.61
CA PHE B 112 3.28 1.76 -27.65
C PHE B 112 4.53 0.90 -27.63
N SER B 113 5.66 1.52 -27.35
CA SER B 113 6.88 0.79 -27.01
C SER B 113 7.06 0.83 -25.50
N PHE B 114 7.90 -0.06 -24.98
CA PHE B 114 8.00 -0.27 -23.55
C PHE B 114 9.40 0.04 -23.02
N ALA B 115 9.47 0.41 -21.75
CA ALA B 115 10.72 0.79 -21.11
C ALA B 115 10.60 0.48 -19.62
N ASP B 116 11.68 0.68 -18.88
CA ASP B 116 11.69 0.38 -17.47
C ASP B 116 11.87 1.67 -16.69
N GLU B 117 13.01 1.84 -16.02
CA GLU B 117 13.17 2.94 -15.08
C GLU B 117 13.16 4.29 -15.78
N ASN B 118 13.49 4.27 -17.07
CA ASN B 118 13.53 5.44 -17.92
C ASN B 118 12.19 5.73 -18.62
N ALA B 119 11.10 5.11 -18.18
CA ALA B 119 9.82 5.25 -18.88
C ALA B 119 9.24 6.67 -18.77
N ASP B 120 8.50 7.09 -19.81
CA ASP B 120 7.75 8.36 -19.78
C ASP B 120 6.45 8.26 -18.93
N VAL B 121 5.86 7.07 -18.94
CA VAL B 121 4.58 6.84 -18.27
C VAL B 121 4.62 5.49 -17.62
N VAL B 122 4.08 5.46 -16.41
CA VAL B 122 3.97 4.25 -15.63
C VAL B 122 2.49 3.96 -15.50
N ILE B 123 2.10 2.77 -15.94
CA ILE B 123 0.69 2.37 -15.84
C ILE B 123 0.52 1.19 -14.89
N VAL B 124 -0.34 1.35 -13.89
CA VAL B 124 -0.57 0.29 -12.91
C VAL B 124 -1.90 -0.44 -13.17
N GLY B 125 -1.76 -1.69 -13.63
CA GLY B 125 -2.87 -2.63 -13.83
C GLY B 125 -2.67 -3.82 -12.92
N LEU B 126 -3.68 -4.68 -12.78
CA LEU B 126 -3.57 -5.80 -11.87
C LEU B 126 -2.58 -6.84 -12.42
N ASP B 127 -1.70 -7.33 -11.56
CA ASP B 127 -0.74 -8.35 -11.93
C ASP B 127 -0.67 -9.33 -10.77
N ARG B 128 -1.34 -10.47 -10.91
CA ARG B 128 -1.42 -11.44 -9.81
C ARG B 128 -0.14 -12.23 -9.64
N GLU B 129 0.88 -11.88 -10.41
CA GLU B 129 2.22 -12.38 -10.18
C GLU B 129 3.20 -11.22 -9.98
N VAL B 130 2.67 -10.07 -9.57
CA VAL B 130 3.54 -8.95 -9.26
C VAL B 130 4.64 -9.31 -8.20
N THR B 131 5.78 -8.64 -8.32
CA THR B 131 6.94 -8.83 -7.46
C THR B 131 7.46 -7.49 -6.93
N TYR B 132 8.29 -7.57 -5.91
CA TYR B 132 8.96 -6.39 -5.39
C TYR B 132 9.67 -5.59 -6.49
N GLU B 133 10.43 -6.27 -7.34
CA GLU B 133 11.20 -5.61 -8.40
C GLU B 133 10.28 -4.85 -9.38
N LYS B 134 9.18 -5.48 -9.77
CA LYS B 134 8.20 -4.82 -10.64
C LYS B 134 7.64 -3.54 -9.99
N LEU B 135 7.26 -3.64 -8.72
CA LEU B 135 6.86 -2.45 -7.97
C LEU B 135 7.97 -1.40 -7.89
N ALA B 136 9.20 -1.82 -7.62
CA ALA B 136 10.31 -0.89 -7.48
C ALA B 136 10.57 -0.13 -8.78
N VAL B 137 10.55 -0.84 -9.91
CA VAL B 137 10.79 -0.19 -11.19
C VAL B 137 9.77 0.93 -11.38
N ALA B 138 8.53 0.68 -10.98
CA ALA B 138 7.48 1.68 -11.08
C ALA B 138 7.80 2.90 -10.19
N CYS B 139 8.22 2.65 -8.95
CA CYS B 139 8.56 3.77 -8.07
C CYS B 139 9.74 4.59 -8.60
N LEU B 140 10.75 3.91 -9.13
CA LEU B 140 11.94 4.58 -9.66
C LEU B 140 11.63 5.42 -10.91
N ALA B 141 10.80 4.88 -11.79
CA ALA B 141 10.38 5.62 -12.97
C ALA B 141 9.59 6.84 -12.58
N VAL B 142 8.67 6.68 -11.63
CA VAL B 142 7.88 7.82 -11.16
C VAL B 142 8.78 8.89 -10.55
N ARG B 143 9.77 8.48 -9.78
CA ARG B 143 10.69 9.46 -9.19
C ARG B 143 11.59 10.13 -10.21
N ASN B 144 11.85 9.44 -11.32
CA ASN B 144 12.52 10.02 -12.47
C ASN B 144 11.64 10.98 -13.28
N GLY B 145 10.37 11.09 -12.92
CA GLY B 145 9.46 12.03 -13.56
C GLY B 145 8.35 11.42 -14.40
N ALA B 146 8.25 10.10 -14.43
CA ALA B 146 7.18 9.46 -15.22
C ALA B 146 5.82 9.80 -14.68
N LYS B 147 4.85 9.99 -15.58
CA LYS B 147 3.46 10.14 -15.17
C LYS B 147 2.87 8.84 -14.58
N LEU B 148 2.09 8.97 -13.52
CA LEU B 148 1.58 7.78 -12.82
C LEU B 148 0.11 7.62 -13.13
N ILE B 149 -0.20 6.54 -13.85
CA ILE B 149 -1.55 6.23 -14.31
C ILE B 149 -1.96 4.86 -13.78
N SER B 150 -3.21 4.75 -13.35
CA SER B 150 -3.76 3.49 -12.83
C SER B 150 -5.03 3.11 -13.58
N THR B 151 -5.18 1.82 -13.90
CA THR B 151 -6.34 1.38 -14.66
C THR B 151 -7.61 1.48 -13.81
N ASN B 152 -7.53 1.19 -12.50
CA ASN B 152 -8.72 1.25 -11.64
C ASN B 152 -8.34 1.25 -10.18
N GLY B 153 -9.22 1.79 -9.35
CA GLY B 153 -8.94 2.03 -7.95
C GLY B 153 -9.47 0.99 -6.98
N ASP B 154 -10.05 -0.09 -7.50
CA ASP B 154 -10.64 -1.14 -6.67
C ASP B 154 -9.62 -1.68 -5.66
N LEU B 155 -9.97 -1.65 -4.38
CA LEU B 155 -9.00 -2.04 -3.34
C LEU B 155 -8.97 -3.55 -3.04
N ALA B 156 -10.05 -4.23 -3.37
CA ALA B 156 -10.22 -5.64 -3.08
C ALA B 156 -10.90 -6.32 -4.26
N LEU B 157 -10.67 -7.63 -4.41
CA LEU B 157 -11.11 -8.39 -5.56
C LEU B 157 -11.74 -9.65 -4.99
N PRO B 158 -13.06 -9.79 -5.10
CA PRO B 158 -13.73 -10.98 -4.54
C PRO B 158 -13.38 -12.22 -5.34
N THR B 159 -12.89 -13.26 -4.69
CA THR B 159 -12.64 -14.54 -5.34
C THR B 159 -13.13 -15.66 -4.43
N GLU B 160 -13.00 -16.89 -4.88
CA GLU B 160 -13.37 -18.03 -4.03
C GLU B 160 -12.51 -18.14 -2.78
N ARG B 161 -11.29 -17.59 -2.80
CA ARG B 161 -10.44 -17.60 -1.59
C ARG B 161 -10.87 -16.54 -0.58
N GLY B 162 -11.60 -15.52 -1.05
CA GLY B 162 -11.95 -14.36 -0.23
C GLY B 162 -11.59 -13.06 -0.96
N PHE B 163 -11.49 -11.95 -0.24
CA PHE B 163 -11.18 -10.66 -0.88
C PHE B 163 -9.66 -10.45 -1.05
N MET B 164 -9.18 -10.70 -2.25
CA MET B 164 -7.78 -10.53 -2.62
C MET B 164 -7.46 -9.06 -2.88
N PRO B 165 -6.18 -8.68 -2.81
CA PRO B 165 -5.85 -7.28 -3.00
C PRO B 165 -6.08 -6.86 -4.44
N GLY B 166 -6.73 -5.70 -4.63
CA GLY B 166 -7.04 -5.19 -5.94
C GLY B 166 -6.04 -4.17 -6.44
N ASN B 167 -6.27 -3.66 -7.64
CA ASN B 167 -5.29 -2.77 -8.27
C ASN B 167 -5.12 -1.47 -7.53
N GLY B 168 -6.20 -0.97 -6.94
CA GLY B 168 -6.14 0.23 -6.13
C GLY B 168 -5.18 0.11 -4.93
N ALA B 169 -5.07 -1.09 -4.35
CA ALA B 169 -4.18 -1.31 -3.21
C ALA B 169 -2.72 -1.20 -3.66
N PHE B 170 -2.40 -1.77 -4.83
CA PHE B 170 -1.05 -1.68 -5.40
C PHE B 170 -0.75 -0.26 -5.86
N THR B 171 -1.74 0.41 -6.44
CA THR B 171 -1.56 1.80 -6.78
C THR B 171 -1.23 2.64 -5.52
N ALA B 172 -1.94 2.35 -4.42
CA ALA B 172 -1.66 3.02 -3.15
C ALA B 172 -0.20 2.86 -2.68
N LEU B 173 0.31 1.64 -2.78
CA LEU B 173 1.69 1.36 -2.39
C LEU B 173 2.62 2.29 -3.15
N ILE B 174 2.47 2.32 -4.47
CA ILE B 174 3.35 3.12 -5.30
C ILE B 174 3.21 4.62 -5.01
N SER B 175 1.98 5.05 -4.81
CA SER B 175 1.69 6.44 -4.57
C SER B 175 2.28 6.89 -3.22
N TYR B 176 2.05 6.09 -2.20
CA TYR B 176 2.64 6.33 -0.90
C TYR B 176 4.17 6.40 -0.96
N SER B 177 4.77 5.45 -1.64
CA SER B 177 6.23 5.34 -1.63
C SER B 177 6.85 6.53 -2.39
N THR B 178 6.23 6.90 -3.50
CA THR B 178 6.79 7.95 -4.37
C THR B 178 6.30 9.36 -4.00
N GLN B 179 5.30 9.46 -3.14
CA GLN B 179 4.60 10.72 -2.86
C GLN B 179 4.05 11.41 -4.11
N VAL B 180 3.56 10.62 -5.06
CA VAL B 180 2.91 11.14 -6.28
C VAL B 180 1.51 10.53 -6.41
N LYS B 181 0.52 11.37 -6.66
CA LYS B 181 -0.87 10.93 -6.77
C LYS B 181 -1.08 10.33 -8.12
N ALA B 182 -1.75 9.19 -8.18
CA ALA B 182 -2.04 8.58 -9.48
C ALA B 182 -3.24 9.22 -10.19
N THR B 183 -3.22 9.21 -11.53
CA THR B 183 -4.43 9.48 -12.29
C THR B 183 -5.12 8.13 -12.59
N PHE B 184 -6.35 7.99 -12.10
CA PHE B 184 -7.11 6.75 -12.26
C PHE B 184 -8.02 6.85 -13.48
N VAL B 185 -8.09 5.78 -14.27
CA VAL B 185 -8.89 5.78 -15.49
C VAL B 185 -10.27 5.16 -15.31
N GLY B 186 -10.34 4.05 -14.58
CA GLY B 186 -11.58 3.29 -14.50
C GLY B 186 -12.67 3.91 -13.64
N LYS B 187 -13.80 3.22 -13.55
CA LYS B 187 -14.93 3.66 -12.73
C LYS B 187 -14.45 3.78 -11.28
N PRO B 188 -14.92 4.83 -10.56
CA PRO B 188 -15.91 5.84 -10.90
C PRO B 188 -15.38 7.09 -11.64
N GLU B 189 -14.16 7.06 -12.17
CA GLU B 189 -13.64 8.25 -12.82
C GLU B 189 -14.35 8.49 -14.15
N PRO B 190 -14.47 9.76 -14.57
CA PRO B 190 -15.14 10.03 -15.85
C PRO B 190 -14.29 9.81 -17.11
N ILE B 191 -13.01 9.51 -16.97
CA ILE B 191 -12.16 9.21 -18.13
C ILE B 191 -12.74 8.02 -18.91
N ILE B 192 -12.96 6.90 -18.24
CA ILE B 192 -13.47 5.70 -18.91
C ILE B 192 -14.89 5.96 -19.47
N MET B 193 -15.68 6.75 -18.75
CA MET B 193 -17.05 7.05 -19.15
C MET B 193 -17.13 7.92 -20.41
N GLU B 194 -16.33 8.96 -20.49
CA GLU B 194 -16.43 9.85 -21.66
C GLU B 194 -16.00 9.08 -22.91
N GLN B 195 -15.00 8.23 -22.78
CA GLN B 195 -14.58 7.40 -23.91
C GLN B 195 -15.65 6.39 -24.30
N ALA B 196 -16.24 5.74 -23.30
CA ALA B 196 -17.21 4.71 -23.59
C ALA B 196 -18.38 5.35 -24.34
N LEU B 197 -18.76 6.54 -23.90
CA LEU B 197 -19.85 7.26 -24.52
C LEU B 197 -19.54 7.54 -26.02
N LYS B 198 -18.29 7.87 -26.31
CA LYS B 198 -17.86 8.11 -27.69
C LYS B 198 -17.94 6.84 -28.50
N VAL B 199 -17.51 5.74 -27.89
CA VAL B 199 -17.55 4.44 -28.56
C VAL B 199 -18.99 4.04 -28.83
N LEU B 200 -19.87 4.35 -27.88
CA LEU B 200 -21.28 3.99 -28.00
C LEU B 200 -21.96 4.86 -29.05
N GLY B 201 -21.61 6.14 -29.08
CA GLY B 201 -22.08 7.01 -30.15
C GLY B 201 -23.36 7.76 -29.88
N THR B 202 -23.86 7.71 -28.64
CA THR B 202 -25.11 8.38 -28.28
C THR B 202 -24.88 9.62 -27.45
N ASN B 203 -25.85 10.54 -27.44
CA ASN B 203 -25.75 11.74 -26.61
C ASN B 203 -25.91 11.43 -25.13
N LYS B 204 -25.29 12.24 -24.27
CA LYS B 204 -25.37 12.04 -22.81
C LYS B 204 -26.78 11.97 -22.28
N ASN B 205 -27.68 12.79 -22.81
CA ASN B 205 -29.01 12.90 -22.24
C ASN B 205 -29.92 11.71 -22.61
N GLU B 206 -29.49 10.89 -23.57
CA GLU B 206 -30.23 9.68 -23.97
C GLU B 206 -29.44 8.40 -23.67
N THR B 207 -28.43 8.51 -22.81
CA THR B 207 -27.61 7.37 -22.41
C THR B 207 -27.74 7.09 -20.91
N ILE B 208 -27.76 5.80 -20.55
CA ILE B 208 -27.90 5.43 -19.16
C ILE B 208 -26.86 4.42 -18.78
N MET B 209 -26.34 4.57 -17.56
CA MET B 209 -25.31 3.67 -17.03
C MET B 209 -26.00 2.73 -16.06
N VAL B 210 -25.79 1.44 -16.25
CA VAL B 210 -26.46 0.38 -15.47
C VAL B 210 -25.42 -0.41 -14.70
N GLY B 211 -25.62 -0.55 -13.39
CA GLY B 211 -24.69 -1.31 -12.56
C GLY B 211 -25.18 -1.66 -11.17
N ASP B 212 -24.29 -2.29 -10.39
CA ASP B 212 -24.61 -2.92 -9.11
C ASP B 212 -23.91 -2.26 -7.92
N ASN B 213 -22.87 -1.49 -8.20
CA ASN B 213 -22.01 -0.90 -7.16
C ASN B 213 -22.07 0.62 -7.23
N TYR B 214 -22.63 1.23 -6.20
CA TYR B 214 -22.70 2.68 -6.14
C TYR B 214 -21.30 3.31 -6.29
N ASP B 215 -20.32 2.79 -5.59
CA ASP B 215 -19.01 3.46 -5.50
C ASP B 215 -18.20 3.45 -6.80
N THR B 216 -18.54 2.55 -7.70
CA THR B 216 -17.93 2.53 -9.02
C THR B 216 -18.91 2.94 -10.11
N ASP B 217 -19.95 2.13 -10.33
CA ASP B 217 -20.81 2.31 -11.50
C ASP B 217 -21.70 3.54 -11.41
N ILE B 218 -22.31 3.79 -10.25
CA ILE B 218 -23.27 4.87 -10.16
C ILE B 218 -22.56 6.24 -10.09
N LEU B 219 -21.52 6.32 -9.27
CA LEU B 219 -20.75 7.55 -9.19
C LEU B 219 -20.06 7.86 -10.53
N ALA B 220 -19.70 6.82 -11.27
CA ALA B 220 -19.14 7.01 -12.62
C ALA B 220 -20.13 7.78 -13.45
N GLY B 221 -21.37 7.29 -13.46
CA GLY B 221 -22.40 7.91 -14.24
C GLY B 221 -22.72 9.33 -13.77
N ILE B 222 -22.86 9.49 -12.47
CA ILE B 222 -23.13 10.83 -11.93
C ILE B 222 -22.04 11.83 -12.34
N ARG B 223 -20.78 11.43 -12.26
CA ARG B 223 -19.68 12.36 -12.52
C ARG B 223 -19.53 12.66 -13.98
N ALA B 224 -19.98 11.74 -14.81
CA ALA B 224 -19.89 11.91 -16.25
C ALA B 224 -21.13 12.61 -16.78
N GLY B 225 -22.11 12.84 -15.92
CA GLY B 225 -23.34 13.51 -16.33
C GLY B 225 -24.33 12.61 -17.02
N LEU B 226 -24.33 11.32 -16.67
CA LEU B 226 -25.30 10.33 -17.19
C LEU B 226 -26.33 9.91 -16.16
N ASP B 227 -27.56 9.67 -16.62
CA ASP B 227 -28.54 9.00 -15.78
C ASP B 227 -28.05 7.60 -15.40
N THR B 228 -28.51 7.12 -14.24
CA THR B 228 -28.04 5.84 -13.73
C THR B 228 -29.17 4.92 -13.26
N LEU B 229 -28.93 3.61 -13.46
CA LEU B 229 -29.77 2.53 -12.98
C LEU B 229 -28.96 1.59 -12.11
N LEU B 230 -29.33 1.55 -10.84
CA LEU B 230 -28.66 0.69 -9.88
C LEU B 230 -29.55 -0.52 -9.66
N VAL B 231 -29.04 -1.71 -9.98
CA VAL B 231 -29.83 -2.94 -9.89
C VAL B 231 -29.19 -3.70 -8.75
N HIS B 232 -29.99 -4.11 -7.77
CA HIS B 232 -29.41 -4.60 -6.51
C HIS B 232 -28.98 -6.08 -6.57
N THR B 233 -28.19 -6.44 -7.58
CA THR B 233 -27.76 -7.83 -7.76
C THR B 233 -26.29 -8.05 -7.43
N GLY B 234 -25.62 -7.01 -6.93
CA GLY B 234 -24.20 -7.11 -6.61
C GLY B 234 -23.81 -6.47 -5.30
N VAL B 235 -22.96 -5.44 -5.36
CA VAL B 235 -22.31 -4.91 -4.17
C VAL B 235 -23.22 -4.09 -3.28
N THR B 236 -23.96 -3.14 -3.86
CA THR B 236 -24.73 -2.21 -3.04
C THR B 236 -26.13 -2.75 -2.76
N THR B 237 -26.44 -2.87 -1.46
CA THR B 237 -27.77 -3.29 -1.01
C THR B 237 -28.73 -2.12 -0.96
N VAL B 238 -30.02 -2.44 -0.81
CA VAL B 238 -31.06 -1.44 -0.69
C VAL B 238 -30.79 -0.52 0.49
N GLU B 239 -30.46 -1.11 1.64
CA GLU B 239 -30.23 -0.35 2.85
C GLU B 239 -29.01 0.56 2.71
N LYS B 240 -27.95 0.03 2.09
CA LYS B 240 -26.70 0.77 1.99
C LYS B 240 -26.89 2.03 1.17
N LEU B 241 -27.85 1.96 0.25
CA LEU B 241 -28.01 3.01 -0.75
C LEU B 241 -28.47 4.33 -0.11
N LYS B 242 -29.12 4.22 1.04
CA LYS B 242 -29.69 5.40 1.69
C LYS B 242 -28.65 6.32 2.30
N GLU B 243 -27.40 5.90 2.30
CA GLU B 243 -26.34 6.63 3.00
C GLU B 243 -25.63 7.67 2.12
N TYR B 244 -25.86 7.63 0.81
CA TYR B 244 -25.09 8.45 -0.12
C TYR B 244 -25.78 9.80 -0.38
N LYS B 245 -25.00 10.81 -0.77
CA LYS B 245 -25.50 12.18 -0.89
C LYS B 245 -26.24 12.40 -2.20
N GLN B 246 -26.14 11.45 -3.10
CA GLN B 246 -26.86 11.53 -4.36
C GLN B 246 -27.33 10.14 -4.81
N GLN B 247 -28.64 9.98 -4.98
CA GLN B 247 -29.19 8.71 -5.41
C GLN B 247 -28.95 8.47 -6.89
N PRO B 248 -28.95 7.19 -7.31
CA PRO B 248 -29.06 6.89 -8.75
C PRO B 248 -30.37 7.42 -9.31
N THR B 249 -30.48 7.59 -10.62
CA THR B 249 -31.74 7.97 -11.23
C THR B 249 -32.84 6.94 -10.94
N TYR B 250 -32.49 5.66 -11.05
CA TYR B 250 -33.43 4.58 -10.74
C TYR B 250 -32.71 3.53 -9.92
N SER B 251 -33.47 2.82 -9.09
CA SER B 251 -32.92 1.63 -8.45
C SER B 251 -34.01 0.59 -8.35
N MET B 252 -33.65 -0.66 -8.62
CA MET B 252 -34.61 -1.75 -8.59
C MET B 252 -33.88 -3.04 -8.26
N LYS B 253 -34.67 -4.09 -7.97
CA LYS B 253 -34.09 -5.34 -7.44
C LYS B 253 -33.58 -6.23 -8.57
N SER B 254 -34.13 -6.02 -9.76
CA SER B 254 -33.87 -6.88 -10.89
C SER B 254 -33.94 -6.07 -12.18
N LEU B 255 -33.16 -6.48 -13.19
CA LEU B 255 -33.29 -5.93 -14.53
C LEU B 255 -34.65 -6.29 -15.12
N ASP B 256 -35.36 -7.23 -14.50
CA ASP B 256 -36.69 -7.61 -14.98
C ASP B 256 -37.70 -6.50 -14.74
N ASP B 257 -37.38 -5.61 -13.80
CA ASP B 257 -38.27 -4.49 -13.46
C ASP B 257 -38.10 -3.27 -14.41
N TRP B 258 -37.10 -3.30 -15.29
CA TRP B 258 -36.79 -2.12 -16.10
C TRP B 258 -37.80 -1.98 -17.24
N LYS B 259 -38.30 -0.76 -17.45
CA LYS B 259 -39.38 -0.54 -18.41
C LYS B 259 -38.97 0.02 -19.79
N PHE B 260 -37.67 0.09 -20.06
CA PHE B 260 -37.17 0.58 -21.37
C PHE B 260 -37.74 1.96 -21.70
N LEU B 261 -37.60 2.86 -20.72
CA LEU B 261 -38.02 4.25 -20.83
C LEU B 261 -37.40 4.96 -22.04
#